data_6LDL
#
_entry.id   6LDL
#
_cell.length_a   53.471
_cell.length_b   75.511
_cell.length_c   105.148
_cell.angle_alpha   90.000
_cell.angle_beta   90.000
_cell.angle_gamma   90.000
#
_symmetry.space_group_name_H-M   'P 21 21 21'
#
loop_
_entity.id
_entity.type
_entity.pdbx_description
1 polymer 'Cytochrome P450'
2 non-polymer 'PROTOPORPHYRIN IX CONTAINING FE'
3 non-polymer BICINE
4 non-polymer GLYCEROL
5 water water
#
_entity_poly.entity_id   1
_entity_poly.type   'polypeptide(L)'
_entity_poly.pdbx_seq_one_letter_code
;QSSVGGCPVHRLAEDFDPFQDAYMADPAQFVRWAREQVPIFYAPKLNYWVVTRYDTIKQIFRDPVTFSPSNVLQSFAQPS
AEVRQVLERYGYAFNRTLVNEDEPMHLERRRVLMEPFASEHLAEHEPMVRELVRRAVNRFIDTGRADLVDQMIWEVPFTV
ALHFLGVDDDDREKMRRFAIAHTVNAFGRPSPEEQLAVAETVGQFWQFCGEVLEKMRRTADGPGWMRYSIRQQKLYPDVV
TDSYLHSMMQAIIVAAHETTVFATTNALKTLLEHETVWREICADPSLIPAAAEECLRYNGPVAGWRRRTTREVEVEGVRL
PVGANILMVVASANHDSAHFDDPEFFDIGRSNASEHLNFGYGAHQCLGRNLGRMEMQIMIEELSRRLPHMRLAEQRFDYL
HNVSFRAPRHLWVEWDPAQNPERRDP
;
_entity_poly.pdbx_strand_id   A
#
loop_
_chem_comp.id
_chem_comp.type
_chem_comp.name
_chem_comp.formula
BCN non-polymer BICINE 'C6 H13 N O4'
GOL non-polymer GLYCEROL 'C3 H8 O3'
HEM non-polymer 'PROTOPORPHYRIN IX CONTAINING FE' 'C34 H32 Fe N4 O4'
#
# COMPACT_ATOMS: atom_id res chain seq x y z
N VAL A 9 -29.57 7.28 10.47
CA VAL A 9 -28.96 6.03 9.89
C VAL A 9 -29.23 6.03 8.37
N HIS A 10 -30.45 6.34 7.95
CA HIS A 10 -30.82 6.60 6.53
C HIS A 10 -30.01 7.82 6.05
N ARG A 11 -30.00 8.87 6.87
CA ARG A 11 -29.29 10.14 6.59
C ARG A 11 -27.78 9.87 6.42
N LEU A 12 -27.19 9.08 7.30
CA LEU A 12 -25.71 8.88 7.27
C LEU A 12 -25.33 8.15 5.96
N ALA A 13 -26.17 7.27 5.45
CA ALA A 13 -25.94 6.56 4.18
C ALA A 13 -26.03 7.55 3.03
N GLU A 14 -27.14 8.32 2.95
CA GLU A 14 -27.33 9.33 1.90
C GLU A 14 -26.16 10.32 1.89
N ASP A 15 -25.66 10.70 3.05
CA ASP A 15 -24.62 11.74 3.17
C ASP A 15 -23.20 11.16 3.01
N PHE A 16 -23.05 9.84 2.95
CA PHE A 16 -21.71 9.20 2.99
C PHE A 16 -20.81 9.80 1.93
N ASP A 17 -19.69 10.32 2.39
CA ASP A 17 -18.68 10.95 1.53
C ASP A 17 -17.31 10.68 2.12
N PRO A 18 -16.50 9.81 1.49
CA PRO A 18 -15.16 9.52 2.04
C PRO A 18 -14.12 10.59 1.78
N PHE A 19 -14.44 11.54 0.91
CA PHE A 19 -13.49 12.61 0.51
C PHE A 19 -13.56 13.71 1.55
N GLN A 20 -13.15 13.38 2.76
CA GLN A 20 -13.13 14.33 3.88
C GLN A 20 -12.16 13.86 4.96
N ASP A 21 -11.69 14.81 5.76
CA ASP A 21 -10.67 14.53 6.77
C ASP A 21 -11.13 13.41 7.69
N ALA A 22 -12.37 13.36 8.13
CA ALA A 22 -12.77 12.39 9.17
C ALA A 22 -12.67 10.96 8.62
N TYR A 23 -12.99 10.71 7.36
CA TYR A 23 -12.88 9.34 6.81
C TYR A 23 -11.38 9.02 6.73
N MET A 24 -10.54 9.96 6.32
CA MET A 24 -9.11 9.63 6.17
C MET A 24 -8.46 9.38 7.53
N ALA A 25 -8.76 10.19 8.55
CA ALA A 25 -8.00 10.14 9.81
C ALA A 25 -8.44 8.92 10.63
N ASP A 26 -9.73 8.61 10.62
CA ASP A 26 -10.25 7.51 11.45
C ASP A 26 -11.45 6.90 10.76
N PRO A 27 -11.26 6.15 9.67
CA PRO A 27 -12.38 5.58 8.93
C PRO A 27 -13.16 4.59 9.80
N ALA A 28 -12.51 3.88 10.72
CA ALA A 28 -13.24 2.90 11.54
C ALA A 28 -14.25 3.59 12.44
N GLN A 29 -13.91 4.75 13.00
CA GLN A 29 -14.90 5.52 13.80
C GLN A 29 -15.94 6.13 12.86
N PHE A 30 -15.53 6.65 11.72
CA PHE A 30 -16.41 7.37 10.78
C PHE A 30 -17.57 6.47 10.38
N VAL A 31 -17.35 5.17 10.24
CA VAL A 31 -18.41 4.22 9.83
C VAL A 31 -18.81 3.28 10.97
N ARG A 32 -18.46 3.56 12.21
CA ARG A 32 -18.86 2.63 13.32
C ARG A 32 -20.39 2.45 13.33
N TRP A 33 -21.16 3.50 13.02
CA TRP A 33 -22.64 3.40 12.97
C TRP A 33 -23.06 2.23 12.08
N ALA A 34 -22.35 2.08 10.95
CA ALA A 34 -22.72 1.13 9.90
C ALA A 34 -22.22 -0.25 10.32
N ARG A 35 -21.00 -0.32 10.85
CA ARG A 35 -20.48 -1.62 11.33
C ARG A 35 -21.43 -2.21 12.40
N GLU A 36 -21.91 -1.33 13.26
CA GLU A 36 -22.77 -1.82 14.38
C GLU A 36 -24.18 -2.19 13.89
N GLN A 37 -24.77 -1.41 12.98
N GLN A 37 -24.77 -1.42 12.97
CA GLN A 37 -26.24 -1.54 12.70
CA GLN A 37 -26.23 -1.58 12.67
C GLN A 37 -26.57 -1.58 11.21
C GLN A 37 -26.56 -1.64 11.19
N VAL A 38 -25.65 -1.26 10.30
CA VAL A 38 -26.03 -1.11 8.86
C VAL A 38 -24.91 -1.73 8.03
N PRO A 39 -24.87 -3.06 7.96
CA PRO A 39 -23.71 -3.74 7.36
C PRO A 39 -23.60 -3.68 5.84
N ILE A 40 -24.64 -3.16 5.20
CA ILE A 40 -24.52 -2.72 3.78
C ILE A 40 -25.40 -1.51 3.57
N PHE A 41 -24.93 -0.50 2.88
CA PHE A 41 -25.77 0.65 2.48
C PHE A 41 -25.28 1.16 1.17
N TYR A 42 -26.17 1.80 0.44
CA TYR A 42 -25.84 2.50 -0.82
C TYR A 42 -25.46 3.93 -0.52
N ALA A 43 -24.36 4.40 -1.10
CA ALA A 43 -23.85 5.77 -0.97
C ALA A 43 -24.08 6.50 -2.29
N PRO A 44 -25.19 7.28 -2.43
CA PRO A 44 -25.51 7.87 -3.72
C PRO A 44 -24.51 8.91 -4.21
N LYS A 45 -23.72 9.51 -3.32
CA LYS A 45 -22.69 10.48 -3.76
C LYS A 45 -21.60 9.77 -4.56
N LEU A 46 -21.37 8.47 -4.30
CA LEU A 46 -20.31 7.66 -4.96
C LEU A 46 -20.90 6.75 -6.03
N ASN A 47 -22.18 6.37 -5.91
CA ASN A 47 -22.72 5.20 -6.66
C ASN A 47 -21.91 3.95 -6.28
N TYR A 48 -21.64 3.78 -4.99
CA TYR A 48 -21.00 2.57 -4.41
C TYR A 48 -21.90 2.07 -3.29
N TRP A 49 -21.95 0.77 -3.14
CA TRP A 49 -22.39 0.07 -1.94
C TRP A 49 -21.23 -0.04 -0.95
N VAL A 50 -21.48 0.16 0.32
CA VAL A 50 -20.42 0.25 1.35
C VAL A 50 -20.65 -0.84 2.38
N VAL A 51 -19.64 -1.66 2.61
CA VAL A 51 -19.66 -2.75 3.63
C VAL A 51 -18.54 -2.45 4.61
N THR A 52 -18.74 -2.84 5.87
CA THR A 52 -17.95 -2.35 7.01
C THR A 52 -17.55 -3.46 7.98
N ARG A 53 -18.08 -4.67 7.84
CA ARG A 53 -17.80 -5.75 8.80
C ARG A 53 -16.73 -6.69 8.27
N TYR A 54 -15.96 -7.24 9.21
CA TYR A 54 -14.92 -8.21 8.88
C TYR A 54 -15.47 -9.41 8.08
N ASP A 55 -16.52 -10.04 8.55
N ASP A 55 -16.56 -9.97 8.61
CA ASP A 55 -16.91 -11.26 7.79
CA ASP A 55 -17.19 -11.17 8.00
C ASP A 55 -17.53 -10.88 6.44
C ASP A 55 -17.58 -10.88 6.54
N THR A 56 -18.26 -9.76 6.30
CA THR A 56 -18.77 -9.40 4.97
C THR A 56 -17.62 -9.19 3.99
N ILE A 57 -16.60 -8.50 4.47
CA ILE A 57 -15.44 -8.18 3.60
C ILE A 57 -14.65 -9.44 3.23
N LYS A 58 -14.49 -10.37 4.16
CA LYS A 58 -13.83 -11.66 3.84
C LYS A 58 -14.66 -12.39 2.78
N GLN A 59 -15.96 -12.38 2.91
CA GLN A 59 -16.83 -13.06 1.94
C GLN A 59 -16.63 -12.49 0.53
N ILE A 60 -16.57 -11.18 0.41
CA ILE A 60 -16.37 -10.55 -0.94
C ILE A 60 -14.97 -10.86 -1.48
N PHE A 61 -13.95 -10.73 -0.65
CA PHE A 61 -12.58 -11.07 -1.11
C PHE A 61 -12.46 -12.55 -1.55
N ARG A 62 -13.28 -13.41 -0.96
CA ARG A 62 -13.13 -14.86 -1.17
C ARG A 62 -13.56 -15.28 -2.57
N ASP A 63 -14.37 -14.50 -3.27
CA ASP A 63 -14.87 -14.92 -4.62
C ASP A 63 -14.46 -13.88 -5.65
N PRO A 64 -13.34 -14.07 -6.37
CA PRO A 64 -12.85 -13.06 -7.31
C PRO A 64 -13.52 -13.13 -8.67
N VAL A 65 -14.38 -14.12 -8.88
CA VAL A 65 -15.15 -14.21 -10.15
C VAL A 65 -16.42 -13.37 -10.01
N THR A 66 -17.19 -13.55 -8.94
CA THR A 66 -18.39 -12.77 -8.66
C THR A 66 -18.00 -11.32 -8.34
N PHE A 67 -16.96 -11.16 -7.54
CA PHE A 67 -16.51 -9.84 -7.05
C PHE A 67 -15.19 -9.48 -7.74
N SER A 68 -15.27 -8.86 -8.89
CA SER A 68 -14.09 -8.56 -9.72
C SER A 68 -13.29 -7.41 -9.10
N PRO A 69 -11.94 -7.44 -9.24
CA PRO A 69 -11.10 -6.31 -8.82
C PRO A 69 -10.93 -5.26 -9.93
N SER A 70 -11.82 -5.27 -10.93
CA SER A 70 -11.68 -4.35 -12.07
C SER A 70 -11.67 -2.87 -11.69
N ASN A 71 -12.28 -2.47 -10.58
CA ASN A 71 -12.38 -1.05 -10.19
C ASN A 71 -11.33 -0.67 -9.14
N VAL A 72 -10.36 -1.53 -8.85
CA VAL A 72 -9.42 -1.25 -7.74
C VAL A 72 -8.62 0.04 -8.01
N LEU A 73 -8.20 0.27 -9.24
CA LEU A 73 -7.34 1.45 -9.55
C LEU A 73 -8.14 2.45 -10.38
N GLN A 74 -9.43 2.46 -10.21
CA GLN A 74 -10.29 3.34 -11.02
C GLN A 74 -10.44 4.69 -10.33
N SER A 75 -9.94 5.69 -11.01
CA SER A 75 -9.98 7.08 -10.52
C SER A 75 -11.43 7.58 -10.43
N PHE A 76 -11.70 8.43 -9.46
CA PHE A 76 -13.03 9.09 -9.40
C PHE A 76 -13.07 10.35 -10.25
N ALA A 77 -11.96 10.80 -10.82
CA ALA A 77 -12.08 12.05 -11.61
C ALA A 77 -12.90 11.76 -12.85
N GLN A 78 -13.51 12.82 -13.39
CA GLN A 78 -14.19 12.62 -14.69
C GLN A 78 -13.08 12.25 -15.70
N PRO A 79 -13.34 11.38 -16.69
CA PRO A 79 -12.28 11.01 -17.65
C PRO A 79 -11.67 12.20 -18.42
N SER A 80 -10.39 12.07 -18.81
CA SER A 80 -9.61 13.17 -19.44
C SER A 80 -9.21 12.85 -20.89
N ALA A 81 -9.64 13.66 -21.86
CA ALA A 81 -9.23 13.44 -23.26
C ALA A 81 -7.73 13.78 -23.38
N GLU A 82 -7.29 14.81 -22.67
CA GLU A 82 -5.86 15.18 -22.76
C GLU A 82 -5.01 14.06 -22.16
N VAL A 83 -5.49 13.42 -21.09
CA VAL A 83 -4.75 12.29 -20.47
C VAL A 83 -4.59 11.20 -21.54
N ARG A 84 -5.65 10.87 -22.24
CA ARG A 84 -5.60 9.76 -23.22
C ARG A 84 -4.63 10.09 -24.35
N GLN A 85 -4.65 11.33 -24.78
CA GLN A 85 -3.76 11.78 -25.87
C GLN A 85 -2.28 11.68 -25.45
N VAL A 86 -1.96 12.05 -24.22
CA VAL A 86 -0.56 11.98 -23.73
C VAL A 86 -0.14 10.50 -23.69
N LEU A 87 -1.00 9.67 -23.09
CA LEU A 87 -0.60 8.25 -22.96
C LEU A 87 -0.48 7.59 -24.35
N GLU A 88 -1.30 7.94 -25.32
CA GLU A 88 -1.18 7.35 -26.69
C GLU A 88 0.10 7.85 -27.37
N ARG A 89 0.51 9.10 -27.11
CA ARG A 89 1.79 9.61 -27.67
C ARG A 89 2.95 8.71 -27.25
N TYR A 90 2.94 8.22 -25.99
CA TYR A 90 4.03 7.38 -25.49
C TYR A 90 3.80 5.88 -25.73
N GLY A 91 2.73 5.54 -26.43
CA GLY A 91 2.48 4.13 -26.73
C GLY A 91 2.11 3.36 -25.50
N TYR A 92 1.52 4.03 -24.54
CA TYR A 92 1.21 3.39 -23.24
C TYR A 92 0.26 2.23 -23.50
N ALA A 93 0.57 1.07 -22.91
CA ALA A 93 -0.23 -0.14 -23.11
C ALA A 93 -0.24 -0.87 -21.77
N PHE A 94 -0.21 -0.14 -20.66
CA PHE A 94 -0.20 -0.76 -19.32
C PHE A 94 -1.41 -1.69 -19.20
N ASN A 95 -1.12 -2.93 -18.84
CA ASN A 95 -2.20 -3.93 -18.71
C ASN A 95 -2.78 -3.89 -17.30
N ARG A 96 -3.94 -4.52 -17.10
CA ARG A 96 -4.40 -4.71 -15.70
C ARG A 96 -3.46 -5.80 -15.16
N THR A 97 -2.52 -5.41 -14.32
CA THR A 97 -1.42 -6.30 -13.90
C THR A 97 -1.58 -6.79 -12.48
N LEU A 98 -2.16 -7.98 -12.35
CA LEU A 98 -2.46 -8.74 -11.12
C LEU A 98 -3.52 -8.07 -10.23
N VAL A 99 -3.21 -6.91 -9.64
CA VAL A 99 -4.07 -6.33 -8.56
C VAL A 99 -5.51 -6.06 -9.00
N ASN A 100 -5.72 -5.69 -10.26
CA ASN A 100 -7.06 -5.39 -10.80
C ASN A 100 -7.38 -6.32 -11.98
N GLU A 101 -6.75 -7.48 -12.03
CA GLU A 101 -6.89 -8.40 -13.18
C GLU A 101 -7.92 -9.49 -12.88
N ASP A 102 -8.77 -9.80 -13.85
CA ASP A 102 -9.81 -10.85 -13.69
C ASP A 102 -9.28 -12.27 -13.90
N GLU A 103 -10.07 -13.20 -13.37
CA GLU A 103 -9.94 -14.62 -13.70
C GLU A 103 -10.46 -14.87 -15.11
N PRO A 104 -9.99 -15.93 -15.75
CA PRO A 104 -9.00 -16.87 -15.21
C PRO A 104 -7.52 -16.51 -15.34
N MET A 105 -7.19 -15.52 -16.13
N MET A 105 -7.14 -15.53 -16.17
CA MET A 105 -5.77 -15.25 -16.42
CA MET A 105 -5.69 -15.27 -16.42
C MET A 105 -5.02 -14.78 -15.16
C MET A 105 -4.99 -14.78 -15.14
N HIS A 106 -5.66 -14.03 -14.28
CA HIS A 106 -4.96 -13.53 -13.06
C HIS A 106 -4.29 -14.69 -12.31
N LEU A 107 -5.04 -15.73 -11.95
CA LEU A 107 -4.40 -16.80 -11.15
C LEU A 107 -3.37 -17.55 -11.97
N GLU A 108 -3.55 -17.70 -13.29
CA GLU A 108 -2.53 -18.35 -14.11
C GLU A 108 -1.23 -17.54 -14.09
N ARG A 109 -1.34 -16.24 -14.22
CA ARG A 109 -0.13 -15.39 -14.19
C ARG A 109 0.46 -15.32 -12.77
N ARG A 110 -0.34 -15.24 -11.74
CA ARG A 110 0.18 -15.27 -10.36
C ARG A 110 0.95 -16.58 -10.15
N ARG A 111 0.47 -17.71 -10.67
CA ARG A 111 1.16 -19.00 -10.44
C ARG A 111 2.57 -18.90 -11.02
N VAL A 112 2.71 -18.35 -12.21
CA VAL A 112 4.05 -18.42 -12.86
C VAL A 112 4.95 -17.28 -12.41
N LEU A 113 4.44 -16.24 -11.77
CA LEU A 113 5.30 -15.08 -11.42
C LEU A 113 5.53 -14.97 -9.92
N MET A 114 4.91 -15.80 -9.08
CA MET A 114 4.93 -15.54 -7.64
C MET A 114 6.21 -15.97 -6.94
N GLU A 115 7.06 -16.81 -7.56
CA GLU A 115 8.16 -17.46 -6.79
C GLU A 115 9.06 -16.42 -6.11
N PRO A 116 9.54 -15.35 -6.79
CA PRO A 116 10.50 -14.47 -6.17
C PRO A 116 9.98 -13.71 -4.94
N PHE A 117 8.67 -13.78 -4.68
CA PHE A 117 8.08 -13.13 -3.49
C PHE A 117 8.14 -14.05 -2.27
N ALA A 118 8.54 -15.30 -2.43
CA ALA A 118 8.68 -16.23 -1.28
C ALA A 118 9.65 -15.63 -0.24
N SER A 119 9.41 -15.91 1.05
CA SER A 119 10.23 -15.36 2.15
C SER A 119 11.69 -15.77 1.99
N GLU A 120 11.95 -16.97 1.47
CA GLU A 120 13.33 -17.48 1.29
C GLU A 120 14.10 -16.57 0.32
N HIS A 121 13.44 -16.02 -0.70
CA HIS A 121 14.06 -15.15 -1.74
C HIS A 121 14.13 -13.70 -1.25
N LEU A 122 13.09 -13.24 -0.58
CA LEU A 122 13.11 -11.86 -0.05
C LEU A 122 14.25 -11.68 0.98
N ALA A 123 14.62 -12.75 1.70
CA ALA A 123 15.73 -12.71 2.70
C ALA A 123 17.03 -12.16 2.10
N GLU A 124 17.28 -12.36 0.81
CA GLU A 124 18.48 -11.87 0.12
C GLU A 124 18.49 -10.34 0.08
N HIS A 125 17.33 -9.69 0.19
CA HIS A 125 17.21 -8.21 0.13
C HIS A 125 17.48 -7.56 1.49
N GLU A 126 17.50 -8.35 2.57
CA GLU A 126 17.58 -7.74 3.93
C GLU A 126 18.81 -6.86 4.09
N PRO A 127 20.05 -7.26 3.68
CA PRO A 127 21.20 -6.38 3.88
C PRO A 127 21.01 -5.02 3.20
N MET A 128 20.43 -5.03 1.99
CA MET A 128 20.25 -3.80 1.21
C MET A 128 19.26 -2.89 1.97
N VAL A 129 18.19 -3.46 2.53
CA VAL A 129 17.20 -2.63 3.24
C VAL A 129 17.87 -2.01 4.47
N ARG A 130 18.64 -2.83 5.18
CA ARG A 130 19.31 -2.33 6.42
C ARG A 130 20.26 -1.19 6.05
N GLU A 131 20.99 -1.31 4.96
CA GLU A 131 21.96 -0.28 4.56
C GLU A 131 21.23 1.00 4.16
N LEU A 132 20.15 0.91 3.35
CA LEU A 132 19.39 2.10 2.93
C LEU A 132 18.93 2.87 4.18
N VAL A 133 18.36 2.11 5.10
CA VAL A 133 17.75 2.74 6.30
C VAL A 133 18.85 3.37 7.18
N ARG A 134 19.98 2.71 7.34
CA ARG A 134 21.07 3.30 8.14
C ARG A 134 21.56 4.58 7.46
N ARG A 135 21.77 4.54 6.16
CA ARG A 135 22.25 5.73 5.45
C ARG A 135 21.24 6.87 5.53
N ALA A 136 19.93 6.57 5.47
CA ALA A 136 18.91 7.64 5.53
C ALA A 136 18.94 8.32 6.92
N VAL A 137 18.99 7.48 7.95
CA VAL A 137 18.98 8.07 9.32
C VAL A 137 20.27 8.87 9.55
N ASN A 138 21.40 8.42 8.98
CA ASN A 138 22.66 9.20 9.15
C ASN A 138 22.48 10.63 8.65
N ARG A 139 21.69 10.86 7.62
CA ARG A 139 21.58 12.20 7.01
C ARG A 139 20.85 13.22 7.90
N PHE A 140 20.09 12.78 8.92
CA PHE A 140 19.35 13.74 9.77
C PHE A 140 19.54 13.51 11.28
N ILE A 141 20.18 12.45 11.70
CA ILE A 141 20.23 12.10 13.15
C ILE A 141 20.91 13.18 13.99
N ASP A 142 21.77 14.03 13.39
CA ASP A 142 22.47 15.04 14.19
C ASP A 142 21.74 16.37 14.20
N THR A 143 20.57 16.51 13.59
CA THR A 143 19.87 17.79 13.44
C THR A 143 18.99 18.13 14.63
N GLY A 144 18.28 17.16 15.20
CA GLY A 144 17.33 17.38 16.31
C GLY A 144 15.88 17.61 15.94
N ARG A 145 15.54 17.81 14.67
CA ARG A 145 14.14 17.91 14.22
C ARG A 145 14.12 17.41 12.77
N ALA A 146 13.22 16.51 12.46
CA ALA A 146 13.12 15.95 11.08
C ALA A 146 11.69 15.52 10.80
N ASP A 147 11.35 15.59 9.53
CA ASP A 147 10.12 14.97 8.99
C ASP A 147 10.47 13.55 8.55
N LEU A 148 10.04 12.54 9.30
CA LEU A 148 10.40 11.16 8.93
C LEU A 148 9.85 10.78 7.56
N VAL A 149 8.82 11.42 7.05
CA VAL A 149 8.33 11.04 5.69
C VAL A 149 9.30 11.59 4.65
N ASP A 150 9.45 12.90 4.55
CA ASP A 150 10.30 13.44 3.45
C ASP A 150 11.75 13.06 3.67
N GLN A 151 12.22 12.89 4.89
CA GLN A 151 13.65 12.65 5.12
C GLN A 151 14.00 11.18 5.25
N MET A 152 13.05 10.24 5.16
N MET A 152 13.05 10.26 5.10
CA MET A 152 13.45 8.81 5.00
CA MET A 152 13.42 8.85 5.30
C MET A 152 12.34 7.98 4.39
C MET A 152 12.43 7.91 4.62
N ILE A 153 11.18 7.98 5.00
CA ILE A 153 10.21 6.88 4.71
C ILE A 153 9.73 6.98 3.26
N TRP A 154 9.55 8.15 2.69
CA TRP A 154 9.09 8.24 1.29
C TRP A 154 10.00 7.45 0.38
N GLU A 155 11.29 7.65 0.48
CA GLU A 155 12.20 7.15 -0.59
C GLU A 155 12.56 5.69 -0.38
N VAL A 156 12.71 5.20 0.84
CA VAL A 156 13.24 3.85 1.06
C VAL A 156 12.41 2.84 0.26
N PRO A 157 11.08 2.80 0.34
CA PRO A 157 10.37 1.71 -0.35
C PRO A 157 10.39 1.80 -1.88
N PHE A 158 10.59 2.99 -2.42
CA PHE A 158 10.79 3.14 -3.87
C PHE A 158 12.08 2.44 -4.26
N THR A 159 13.19 2.78 -3.61
CA THR A 159 14.46 2.13 -3.93
C THR A 159 14.39 0.63 -3.71
N VAL A 160 13.76 0.18 -2.63
CA VAL A 160 13.63 -1.28 -2.39
C VAL A 160 12.90 -1.94 -3.56
N ALA A 161 11.82 -1.33 -4.01
CA ALA A 161 11.06 -1.89 -5.14
C ALA A 161 11.97 -2.03 -6.35
N LEU A 162 12.80 -1.03 -6.61
CA LEU A 162 13.69 -1.11 -7.79
C LEU A 162 14.68 -2.26 -7.61
N HIS A 163 15.18 -2.49 -6.42
CA HIS A 163 16.05 -3.68 -6.18
C HIS A 163 15.26 -4.97 -6.34
N PHE A 164 14.06 -5.06 -5.84
CA PHE A 164 13.25 -6.29 -6.02
C PHE A 164 13.09 -6.59 -7.52
N LEU A 165 12.88 -5.55 -8.34
CA LEU A 165 12.76 -5.69 -9.83
C LEU A 165 14.09 -6.08 -10.46
N GLY A 166 15.22 -5.69 -9.85
CA GLY A 166 16.57 -5.94 -10.39
C GLY A 166 17.08 -4.82 -11.26
N VAL A 167 16.57 -3.61 -11.08
CA VAL A 167 17.07 -2.44 -11.84
C VAL A 167 18.52 -2.15 -11.49
N ASP A 168 19.32 -1.91 -12.52
CA ASP A 168 20.78 -1.77 -12.37
C ASP A 168 21.07 -0.42 -11.74
N ASP A 169 22.25 -0.25 -11.16
CA ASP A 169 22.64 0.98 -10.41
C ASP A 169 22.41 2.28 -11.20
N ASP A 170 22.87 2.34 -12.44
CA ASP A 170 22.71 3.60 -13.21
C ASP A 170 21.23 3.90 -13.49
N ASP A 171 20.47 2.87 -13.79
CA ASP A 171 19.04 3.08 -14.09
C ASP A 171 18.28 3.52 -12.84
N ARG A 172 18.63 3.03 -11.67
CA ARG A 172 17.93 3.50 -10.43
C ARG A 172 18.17 5.00 -10.23
N GLU A 173 19.37 5.46 -10.51
CA GLU A 173 19.63 6.90 -10.37
C GLU A 173 18.80 7.69 -11.37
N LYS A 174 18.64 7.17 -12.58
CA LYS A 174 17.80 7.87 -13.58
C LYS A 174 16.31 7.80 -13.26
N MET A 175 15.94 6.91 -12.36
CA MET A 175 14.50 6.74 -12.05
C MET A 175 14.02 7.60 -10.87
N ARG A 176 14.92 8.33 -10.23
CA ARG A 176 14.55 9.15 -9.05
C ARG A 176 13.35 10.07 -9.35
N ARG A 177 13.30 10.66 -10.53
CA ARG A 177 12.22 11.62 -10.82
C ARG A 177 10.86 10.92 -11.03
N PHE A 178 10.84 9.60 -11.12
CA PHE A 178 9.55 8.88 -11.33
C PHE A 178 8.93 8.51 -10.00
N ALA A 179 9.52 8.84 -8.86
CA ALA A 179 9.00 8.48 -7.52
C ALA A 179 7.88 9.46 -7.07
N ILE A 180 6.84 9.58 -7.88
CA ILE A 180 5.73 10.53 -7.63
C ILE A 180 4.60 9.85 -6.85
N ALA A 181 3.68 10.68 -6.42
CA ALA A 181 2.47 10.22 -5.70
C ALA A 181 1.42 9.74 -6.69
N HIS A 182 0.93 8.54 -6.50
CA HIS A 182 -0.10 7.92 -7.36
C HIS A 182 -1.43 7.77 -6.64
N THR A 183 -1.49 7.97 -5.35
CA THR A 183 -2.64 7.54 -4.54
C THR A 183 -3.88 8.36 -4.91
N VAL A 184 -3.79 9.69 -4.99
CA VAL A 184 -4.98 10.50 -5.33
C VAL A 184 -5.43 10.17 -6.77
N ASN A 185 -4.51 10.01 -7.69
CA ASN A 185 -4.89 9.73 -9.09
C ASN A 185 -5.64 8.38 -9.20
N ALA A 186 -5.23 7.32 -8.50
CA ALA A 186 -5.80 5.97 -8.70
C ALA A 186 -7.02 5.75 -7.79
N PHE A 187 -7.09 6.42 -6.65
CA PHE A 187 -8.09 6.09 -5.62
C PHE A 187 -8.90 7.31 -5.20
N GLY A 188 -8.62 8.46 -5.80
CA GLY A 188 -9.24 9.73 -5.41
C GLY A 188 -9.79 10.53 -6.58
N ARG A 189 -9.78 11.84 -6.42
N ARG A 189 -9.84 11.84 -6.37
CA ARG A 189 -10.46 12.76 -7.36
CA ARG A 189 -10.46 12.80 -7.31
C ARG A 189 -9.45 13.83 -7.72
C ARG A 189 -9.40 13.84 -7.67
N PRO A 190 -8.41 13.51 -8.51
CA PRO A 190 -7.40 14.49 -8.89
C PRO A 190 -8.05 15.61 -9.72
N SER A 191 -7.48 16.80 -9.62
CA SER A 191 -7.83 17.90 -10.51
C SER A 191 -7.42 17.53 -11.93
N PRO A 192 -8.00 18.20 -12.93
CA PRO A 192 -7.55 18.01 -14.30
C PRO A 192 -6.03 18.19 -14.41
N GLU A 193 -5.50 19.19 -13.70
CA GLU A 193 -4.06 19.52 -13.71
C GLU A 193 -3.24 18.34 -13.16
N GLU A 194 -3.64 17.78 -12.03
CA GLU A 194 -2.88 16.67 -11.41
C GLU A 194 -2.99 15.44 -12.32
N GLN A 195 -4.15 15.20 -12.90
CA GLN A 195 -4.36 14.04 -13.79
C GLN A 195 -3.35 14.16 -14.93
N LEU A 196 -3.21 15.33 -15.53
CA LEU A 196 -2.33 15.49 -16.71
C LEU A 196 -0.87 15.37 -16.31
N ALA A 197 -0.47 15.88 -15.15
CA ALA A 197 0.90 15.81 -14.66
C ALA A 197 1.30 14.34 -14.41
N VAL A 198 0.41 13.56 -13.79
CA VAL A 198 0.65 12.12 -13.58
C VAL A 198 0.76 11.41 -14.94
N ALA A 199 -0.15 11.70 -15.86
CA ALA A 199 -0.15 11.05 -17.20
C ALA A 199 1.20 11.28 -17.89
N GLU A 200 1.69 12.51 -17.84
CA GLU A 200 2.94 12.82 -18.52
C GLU A 200 4.07 12.00 -17.89
N THR A 201 4.12 11.91 -16.56
CA THR A 201 5.15 11.12 -15.87
C THR A 201 5.00 9.63 -16.22
N VAL A 202 3.79 9.12 -16.19
CA VAL A 202 3.51 7.70 -16.49
C VAL A 202 3.96 7.40 -17.92
N GLY A 203 3.68 8.29 -18.87
CA GLY A 203 4.08 8.01 -20.25
C GLY A 203 5.58 8.00 -20.41
N GLN A 204 6.24 8.97 -19.79
CA GLN A 204 7.71 9.03 -19.81
C GLN A 204 8.28 7.78 -19.14
N PHE A 205 7.66 7.32 -18.06
CA PHE A 205 8.18 6.10 -17.41
C PHE A 205 7.97 4.88 -18.30
N TRP A 206 6.85 4.79 -19.00
CA TRP A 206 6.60 3.73 -19.99
C TRP A 206 7.73 3.69 -21.02
N GLN A 207 8.10 4.84 -21.56
CA GLN A 207 9.21 4.92 -22.53
C GLN A 207 10.50 4.45 -21.85
N PHE A 208 10.76 4.90 -20.63
CA PHE A 208 12.03 4.54 -19.95
C PHE A 208 12.06 3.02 -19.75
N CYS A 209 10.95 2.44 -19.29
CA CYS A 209 10.91 1.01 -18.95
C CYS A 209 10.99 0.15 -20.21
N GLY A 210 10.54 0.59 -21.36
CA GLY A 210 10.75 -0.18 -22.61
C GLY A 210 12.22 -0.42 -22.84
N GLU A 211 13.02 0.57 -22.52
CA GLU A 211 14.49 0.49 -22.74
C GLU A 211 15.13 -0.43 -21.69
N VAL A 212 14.67 -0.32 -20.46
CA VAL A 212 15.17 -1.19 -19.37
C VAL A 212 14.83 -2.64 -19.72
N LEU A 213 13.64 -2.90 -20.23
CA LEU A 213 13.19 -4.29 -20.54
C LEU A 213 14.10 -4.85 -21.64
N GLU A 214 14.50 -4.12 -22.67
CA GLU A 214 15.42 -4.69 -23.69
C GLU A 214 16.71 -5.07 -23.03
N LYS A 215 17.24 -4.20 -22.14
CA LYS A 215 18.53 -4.48 -21.49
C LYS A 215 18.42 -5.70 -20.58
N MET A 216 17.31 -5.83 -19.87
N MET A 216 17.31 -5.82 -19.87
CA MET A 216 17.13 -6.98 -18.98
CA MET A 216 17.08 -6.97 -18.97
C MET A 216 17.02 -8.28 -19.79
C MET A 216 17.04 -8.26 -19.80
N ARG A 217 16.54 -8.20 -21.02
CA ARG A 217 16.46 -9.40 -21.89
C ARG A 217 17.87 -9.86 -22.33
N ARG A 218 18.82 -8.94 -22.39
CA ARG A 218 20.23 -9.23 -22.72
C ARG A 218 20.96 -9.94 -21.57
N THR A 219 20.45 -9.81 -20.35
CA THR A 219 21.08 -10.39 -19.13
C THR A 219 20.01 -11.18 -18.37
N ALA A 220 19.37 -12.10 -19.07
CA ALA A 220 18.14 -12.72 -18.53
C ALA A 220 18.44 -13.64 -17.36
N ASP A 221 19.70 -14.06 -17.19
CA ASP A 221 20.03 -14.96 -16.06
C ASP A 221 20.44 -14.19 -14.80
N GLY A 222 20.39 -12.85 -14.84
CA GLY A 222 20.73 -11.97 -13.72
C GLY A 222 19.60 -11.94 -12.69
N PRO A 223 19.79 -11.08 -11.67
CA PRO A 223 18.89 -11.12 -10.52
C PRO A 223 17.61 -10.29 -10.76
N GLY A 224 16.62 -10.58 -9.94
CA GLY A 224 15.42 -9.74 -9.78
C GLY A 224 14.23 -10.29 -10.50
N TRP A 225 13.06 -9.69 -10.22
CA TRP A 225 11.78 -10.21 -10.70
C TRP A 225 11.68 -10.08 -12.20
N MET A 226 12.15 -8.96 -12.75
CA MET A 226 11.97 -8.76 -14.21
C MET A 226 12.66 -9.88 -15.02
N ARG A 227 13.90 -10.17 -14.68
CA ARG A 227 14.66 -11.23 -15.38
C ARG A 227 14.06 -12.60 -15.09
N TYR A 228 13.57 -12.83 -13.88
CA TYR A 228 12.83 -14.07 -13.60
C TYR A 228 11.65 -14.22 -14.54
N SER A 229 10.92 -13.13 -14.74
N SER A 229 10.90 -13.11 -14.70
CA SER A 229 9.67 -13.16 -15.53
CA SER A 229 9.66 -13.05 -15.51
C SER A 229 9.98 -13.30 -17.03
C SER A 229 9.97 -13.27 -17.00
N ILE A 230 11.09 -12.69 -17.47
CA ILE A 230 11.57 -12.87 -18.86
C ILE A 230 11.92 -14.36 -19.09
N ARG A 231 12.53 -15.01 -18.12
CA ARG A 231 12.81 -16.47 -18.29
C ARG A 231 11.52 -17.27 -18.23
N GLN A 232 10.55 -16.87 -17.40
CA GLN A 232 9.22 -17.53 -17.39
C GLN A 232 8.50 -17.35 -18.74
N GLN A 233 8.59 -16.18 -19.35
CA GLN A 233 7.94 -15.94 -20.65
C GLN A 233 8.45 -16.99 -21.65
N LYS A 234 9.71 -17.38 -21.54
CA LYS A 234 10.26 -18.36 -22.52
C LYS A 234 9.55 -19.70 -22.28
N LEU A 235 9.24 -20.03 -21.05
CA LEU A 235 8.54 -21.31 -20.71
C LEU A 235 7.04 -21.23 -20.96
N TYR A 236 6.40 -20.04 -20.89
CA TYR A 236 4.94 -19.85 -20.91
C TYR A 236 4.57 -18.70 -21.84
N PRO A 237 4.92 -18.75 -23.15
CA PRO A 237 4.84 -17.57 -24.01
C PRO A 237 3.38 -17.17 -24.23
N ASP A 238 2.47 -18.12 -24.05
CA ASP A 238 1.03 -17.83 -24.23
C ASP A 238 0.42 -17.35 -22.91
N VAL A 239 1.19 -17.22 -21.85
CA VAL A 239 0.67 -16.68 -20.55
C VAL A 239 1.18 -15.25 -20.30
N VAL A 240 2.44 -14.99 -20.59
CA VAL A 240 3.19 -13.74 -20.29
C VAL A 240 3.42 -13.02 -21.64
N THR A 241 2.66 -11.98 -21.95
CA THR A 241 2.90 -11.16 -23.16
C THR A 241 4.00 -10.12 -22.94
N ASP A 242 4.52 -9.57 -24.02
CA ASP A 242 5.52 -8.49 -23.89
C ASP A 242 4.93 -7.26 -23.21
N SER A 243 3.71 -6.89 -23.57
N SER A 243 3.72 -6.85 -23.54
CA SER A 243 2.95 -5.77 -22.99
CA SER A 243 3.16 -5.64 -22.89
C SER A 243 2.82 -5.95 -21.47
C SER A 243 2.84 -5.93 -21.41
N TYR A 244 2.51 -7.16 -21.04
CA TYR A 244 2.33 -7.46 -19.61
C TYR A 244 3.67 -7.33 -18.90
N LEU A 245 4.74 -7.88 -19.45
CA LEU A 245 6.08 -7.72 -18.84
C LEU A 245 6.42 -6.24 -18.74
N HIS A 246 6.16 -5.46 -19.76
CA HIS A 246 6.44 -4.01 -19.77
C HIS A 246 5.68 -3.34 -18.63
N SER A 247 4.46 -3.78 -18.39
CA SER A 247 3.60 -3.22 -17.32
C SER A 247 4.09 -3.58 -15.90
N MET A 248 4.94 -4.59 -15.77
CA MET A 248 5.27 -5.12 -14.42
C MET A 248 6.14 -4.15 -13.62
N MET A 249 6.97 -3.35 -14.25
CA MET A 249 7.80 -2.42 -13.47
C MET A 249 6.89 -1.40 -12.78
N GLN A 250 6.03 -0.72 -13.53
CA GLN A 250 5.12 0.24 -12.91
C GLN A 250 4.20 -0.46 -11.90
N ALA A 251 3.69 -1.64 -12.24
CA ALA A 251 2.74 -2.32 -11.33
C ALA A 251 3.43 -2.52 -9.98
N ILE A 252 4.65 -3.03 -9.99
CA ILE A 252 5.32 -3.34 -8.69
C ILE A 252 5.66 -2.07 -7.98
N ILE A 253 6.13 -1.04 -8.68
CA ILE A 253 6.45 0.21 -7.95
C ILE A 253 5.21 0.80 -7.30
N VAL A 254 4.10 0.85 -8.00
CA VAL A 254 2.83 1.41 -7.45
C VAL A 254 2.45 0.50 -6.28
N ALA A 255 2.57 -0.81 -6.43
CA ALA A 255 2.11 -1.72 -5.37
C ALA A 255 2.97 -1.55 -4.11
N ALA A 256 4.26 -1.33 -4.29
CA ALA A 256 5.26 -1.49 -3.21
C ALA A 256 5.63 -0.19 -2.54
N HIS A 257 5.42 0.95 -3.18
CA HIS A 257 6.04 2.23 -2.74
C HIS A 257 5.13 2.91 -1.71
N GLU A 258 4.04 3.53 -2.09
CA GLU A 258 3.30 4.40 -1.14
C GLU A 258 2.62 3.52 -0.09
N THR A 259 2.21 2.31 -0.44
CA THR A 259 1.68 1.34 0.54
C THR A 259 2.59 1.26 1.77
N THR A 260 3.85 0.95 1.53
CA THR A 260 4.85 0.75 2.58
C THR A 260 5.14 2.08 3.28
N VAL A 261 5.16 3.15 2.52
CA VAL A 261 5.36 4.50 3.13
C VAL A 261 4.26 4.76 4.13
N PHE A 262 3.01 4.52 3.74
N PHE A 262 3.02 4.54 3.73
CA PHE A 262 1.86 4.86 4.60
CA PHE A 262 1.85 4.87 4.58
C PHE A 262 1.88 3.93 5.81
C PHE A 262 1.86 3.94 5.79
N ALA A 263 2.13 2.65 5.57
CA ALA A 263 2.14 1.69 6.69
C ALA A 263 3.17 2.11 7.74
N THR A 264 4.38 2.45 7.29
CA THR A 264 5.49 2.80 8.20
C THR A 264 5.22 4.11 8.90
N THR A 265 4.72 5.10 8.18
CA THR A 265 4.39 6.40 8.78
C THR A 265 3.36 6.22 9.91
N ASN A 266 2.31 5.45 9.61
CA ASN A 266 1.26 5.21 10.61
C ASN A 266 1.85 4.44 11.80
N ALA A 267 2.68 3.42 11.52
CA ALA A 267 3.23 2.60 12.63
C ALA A 267 4.03 3.48 13.56
N LEU A 268 4.89 4.33 13.01
N LEU A 268 4.87 4.35 13.02
CA LEU A 268 5.72 5.21 13.87
CA LEU A 268 5.70 5.19 13.90
C LEU A 268 4.84 6.18 14.65
C LEU A 268 4.84 6.19 14.66
N LYS A 269 3.82 6.76 14.03
CA LYS A 269 2.89 7.67 14.71
C LYS A 269 2.25 6.95 15.89
N THR A 270 1.72 5.76 15.67
CA THR A 270 1.03 4.98 16.75
C THR A 270 2.02 4.61 17.85
N LEU A 271 3.20 4.15 17.50
CA LEU A 271 4.18 3.70 18.54
C LEU A 271 4.61 4.89 19.37
N LEU A 272 4.85 6.03 18.76
CA LEU A 272 5.30 7.22 19.53
C LEU A 272 4.11 7.76 20.35
N GLU A 273 2.88 7.68 19.90
CA GLU A 273 1.68 8.18 20.60
C GLU A 273 1.36 7.25 21.78
N HIS A 274 1.79 6.02 21.74
CA HIS A 274 1.56 5.03 22.84
C HIS A 274 2.89 4.83 23.56
N GLU A 275 3.28 5.82 24.36
CA GLU A 275 4.65 5.93 24.92
C GLU A 275 5.08 4.71 25.71
N THR A 276 4.16 4.07 26.39
CA THR A 276 4.56 2.88 27.14
C THR A 276 4.96 1.77 26.17
N VAL A 277 4.34 1.72 25.00
CA VAL A 277 4.68 0.68 23.99
C VAL A 277 6.01 1.05 23.33
N TRP A 278 6.20 2.31 22.96
CA TRP A 278 7.52 2.77 22.47
C TRP A 278 8.61 2.34 23.45
N ARG A 279 8.43 2.59 24.75
CA ARG A 279 9.41 2.22 25.80
C ARG A 279 9.66 0.71 25.73
N GLU A 280 8.60 -0.09 25.57
CA GLU A 280 8.70 -1.55 25.56
C GLU A 280 9.56 -1.98 24.37
N ILE A 281 9.30 -1.44 23.17
CA ILE A 281 10.08 -1.95 22.00
C ILE A 281 11.50 -1.38 22.04
N CYS A 282 11.73 -0.21 22.62
CA CYS A 282 13.12 0.30 22.79
C CYS A 282 13.89 -0.65 23.71
N ALA A 283 13.26 -1.25 24.72
CA ALA A 283 13.88 -2.16 25.70
C ALA A 283 14.08 -3.52 25.04
N ASP A 284 13.17 -3.97 24.15
CA ASP A 284 13.14 -5.36 23.66
C ASP A 284 12.77 -5.32 22.17
N PRO A 285 13.76 -5.14 21.28
CA PRO A 285 13.49 -5.08 19.85
C PRO A 285 12.88 -6.36 19.27
N SER A 286 12.96 -7.50 19.97
CA SER A 286 12.34 -8.75 19.46
C SER A 286 10.81 -8.58 19.36
N LEU A 287 10.24 -7.57 20.01
CA LEU A 287 8.78 -7.29 19.98
C LEU A 287 8.38 -6.61 18.66
N ILE A 288 9.32 -6.14 17.86
CA ILE A 288 8.98 -5.27 16.70
C ILE A 288 8.17 -6.01 15.66
N PRO A 289 8.44 -7.26 15.25
CA PRO A 289 7.58 -7.86 14.22
C PRO A 289 6.11 -7.89 14.66
N ALA A 290 5.82 -8.33 15.86
CA ALA A 290 4.44 -8.41 16.35
C ALA A 290 3.90 -6.99 16.50
N ALA A 291 4.68 -6.04 16.95
CA ALA A 291 4.24 -4.65 17.11
C ALA A 291 3.82 -4.09 15.75
N ALA A 292 4.63 -4.31 14.72
CA ALA A 292 4.32 -3.80 13.37
C ALA A 292 3.02 -4.43 12.89
N GLU A 293 2.75 -5.69 13.24
CA GLU A 293 1.52 -6.33 12.79
C GLU A 293 0.33 -5.66 13.45
N GLU A 294 0.40 -5.35 14.74
CA GLU A 294 -0.70 -4.71 15.44
C GLU A 294 -0.85 -3.27 14.96
N CYS A 295 0.24 -2.62 14.56
CA CYS A 295 0.12 -1.31 13.92
C CYS A 295 -0.72 -1.42 12.64
N LEU A 296 -0.47 -2.43 11.84
CA LEU A 296 -1.29 -2.63 10.62
C LEU A 296 -2.77 -2.85 10.97
N ARG A 297 -3.01 -3.62 12.02
CA ARG A 297 -4.43 -3.82 12.36
C ARG A 297 -5.07 -2.53 12.90
N TYR A 298 -4.39 -1.91 13.85
CA TYR A 298 -4.99 -0.79 14.62
C TYR A 298 -4.96 0.53 13.84
N ASN A 299 -3.88 0.79 13.11
CA ASN A 299 -3.74 2.08 12.39
C ASN A 299 -3.07 1.79 11.05
N GLY A 300 -3.75 0.98 10.27
CA GLY A 300 -3.18 0.48 9.02
C GLY A 300 -3.32 1.46 7.88
N PRO A 301 -2.59 1.20 6.80
CA PRO A 301 -2.63 2.09 5.65
C PRO A 301 -3.89 1.96 4.79
N VAL A 302 -4.60 0.86 4.91
CA VAL A 302 -5.78 0.67 4.03
C VAL A 302 -7.05 1.09 4.75
N ALA A 303 -7.64 2.16 4.25
CA ALA A 303 -8.97 2.59 4.73
C ALA A 303 -10.01 1.71 4.03
N GLY A 304 -9.94 1.65 2.73
CA GLY A 304 -10.93 0.95 1.91
C GLY A 304 -10.34 0.28 0.73
N TRP A 305 -11.01 -0.76 0.22
CA TRP A 305 -10.60 -1.47 -0.99
C TRP A 305 -11.86 -1.78 -1.80
N ARG A 306 -11.71 -2.11 -3.05
CA ARG A 306 -12.88 -2.11 -3.96
C ARG A 306 -13.03 -3.43 -4.71
N ARG A 307 -14.27 -3.69 -5.08
CA ARG A 307 -14.68 -4.78 -5.99
C ARG A 307 -15.88 -4.28 -6.81
N ARG A 308 -16.13 -4.97 -7.90
CA ARG A 308 -17.31 -4.69 -8.74
C ARG A 308 -18.00 -6.01 -9.02
N THR A 309 -19.31 -6.08 -8.82
CA THR A 309 -19.99 -7.38 -9.06
C THR A 309 -20.05 -7.71 -10.56
N THR A 310 -20.03 -8.99 -10.92
CA THR A 310 -20.13 -9.44 -12.34
C THR A 310 -21.45 -10.15 -12.58
N ARG A 311 -22.24 -10.33 -11.55
CA ARG A 311 -23.55 -11.05 -11.62
C ARG A 311 -24.36 -10.53 -10.44
N GLU A 312 -25.66 -10.71 -10.46
N GLU A 312 -25.66 -10.70 -10.45
CA GLU A 312 -26.50 -10.37 -9.29
CA GLU A 312 -26.51 -10.36 -9.29
C GLU A 312 -26.10 -11.30 -8.15
C GLU A 312 -26.11 -11.29 -8.16
N VAL A 313 -25.97 -10.74 -6.96
CA VAL A 313 -25.49 -11.51 -5.81
C VAL A 313 -26.04 -10.84 -4.54
N GLU A 314 -26.38 -11.69 -3.58
CA GLU A 314 -26.82 -11.31 -2.23
C GLU A 314 -25.63 -11.01 -1.33
N VAL A 315 -25.60 -9.81 -0.79
CA VAL A 315 -24.62 -9.36 0.22
C VAL A 315 -25.44 -8.77 1.39
N GLU A 316 -25.34 -9.39 2.56
CA GLU A 316 -26.04 -8.85 3.78
C GLU A 316 -27.52 -8.66 3.47
N GLY A 317 -28.10 -9.61 2.73
CA GLY A 317 -29.56 -9.66 2.52
C GLY A 317 -30.01 -8.75 1.39
N VAL A 318 -29.10 -8.07 0.70
CA VAL A 318 -29.42 -7.09 -0.37
C VAL A 318 -28.93 -7.67 -1.69
N ARG A 319 -29.79 -7.78 -2.70
CA ARG A 319 -29.36 -8.35 -3.99
C ARG A 319 -28.79 -7.24 -4.82
N LEU A 320 -27.48 -7.26 -5.02
CA LEU A 320 -26.81 -6.21 -5.82
C LEU A 320 -27.00 -6.50 -7.30
N PRO A 321 -27.14 -5.45 -8.13
CA PRO A 321 -27.21 -5.64 -9.56
C PRO A 321 -25.84 -6.01 -10.13
N VAL A 322 -25.83 -6.48 -11.35
CA VAL A 322 -24.60 -6.64 -12.16
C VAL A 322 -23.90 -5.29 -12.25
N GLY A 323 -22.58 -5.30 -12.02
CA GLY A 323 -21.73 -4.12 -12.25
C GLY A 323 -21.74 -3.21 -11.05
N ALA A 324 -22.23 -3.69 -9.92
CA ALA A 324 -22.32 -2.82 -8.72
C ALA A 324 -20.92 -2.58 -8.14
N ASN A 325 -20.62 -1.32 -7.84
CA ASN A 325 -19.37 -0.94 -7.17
C ASN A 325 -19.51 -1.15 -5.68
N ILE A 326 -18.51 -1.77 -5.08
CA ILE A 326 -18.46 -2.01 -3.62
C ILE A 326 -17.22 -1.38 -3.02
N LEU A 327 -17.39 -0.59 -1.97
CA LEU A 327 -16.30 -0.09 -1.11
C LEU A 327 -16.31 -0.92 0.15
N MET A 328 -15.23 -1.68 0.34
N MET A 328 -15.24 -1.71 0.33
CA MET A 328 -15.00 -2.48 1.56
CA MET A 328 -14.99 -2.52 1.55
C MET A 328 -14.16 -1.62 2.50
C MET A 328 -14.14 -1.67 2.51
N VAL A 329 -14.70 -1.19 3.62
CA VAL A 329 -13.95 -0.35 4.58
C VAL A 329 -13.12 -1.32 5.45
N VAL A 330 -11.94 -1.65 4.91
CA VAL A 330 -10.99 -2.56 5.57
C VAL A 330 -10.61 -1.99 6.95
N ALA A 331 -10.47 -0.69 7.14
CA ALA A 331 -10.08 -0.19 8.48
C ALA A 331 -11.17 -0.51 9.50
N SER A 332 -12.44 -0.49 9.06
CA SER A 332 -13.60 -0.84 9.90
C SER A 332 -13.56 -2.33 10.25
N ALA A 333 -13.28 -3.17 9.26
CA ALA A 333 -13.12 -4.62 9.51
C ALA A 333 -12.04 -4.86 10.58
N ASN A 334 -10.93 -4.10 10.49
CA ASN A 334 -9.77 -4.28 11.37
C ASN A 334 -10.10 -3.81 12.79
N HIS A 335 -11.18 -3.05 12.96
CA HIS A 335 -11.67 -2.56 14.26
C HIS A 335 -12.94 -3.29 14.64
N ASP A 336 -13.30 -4.39 14.00
CA ASP A 336 -14.63 -5.00 14.19
C ASP A 336 -14.57 -5.93 15.41
N SER A 337 -15.30 -5.54 16.46
CA SER A 337 -15.39 -6.33 17.70
C SER A 337 -15.98 -7.69 17.45
N ALA A 338 -16.67 -7.92 16.34
CA ALA A 338 -17.17 -9.27 16.02
C ALA A 338 -16.04 -10.20 15.56
N HIS A 339 -14.84 -9.71 15.32
CA HIS A 339 -13.66 -10.55 15.03
C HIS A 339 -12.50 -10.27 15.97
N PHE A 340 -12.27 -9.06 16.38
CA PHE A 340 -11.11 -8.66 17.21
C PHE A 340 -11.62 -8.29 18.59
N ASP A 341 -11.23 -9.11 19.56
CA ASP A 341 -11.59 -8.83 20.96
C ASP A 341 -11.02 -7.48 21.37
N ASP A 342 -11.84 -6.59 21.94
CA ASP A 342 -11.37 -5.29 22.45
C ASP A 342 -10.59 -4.59 21.32
N PRO A 343 -11.23 -4.27 20.19
CA PRO A 343 -10.51 -3.74 19.03
C PRO A 343 -9.83 -2.36 19.20
N GLU A 344 -10.27 -1.59 20.17
CA GLU A 344 -9.67 -0.28 20.47
C GLU A 344 -8.43 -0.47 21.36
N PHE A 345 -8.13 -1.67 21.84
CA PHE A 345 -6.87 -1.99 22.60
C PHE A 345 -5.75 -2.10 21.55
N PHE A 346 -4.77 -1.19 21.58
CA PHE A 346 -3.53 -1.30 20.79
C PHE A 346 -2.65 -2.29 21.55
N ASP A 347 -2.66 -3.55 21.18
CA ASP A 347 -2.02 -4.66 21.92
C ASP A 347 -0.97 -5.32 21.05
N ILE A 348 0.31 -4.99 21.22
CA ILE A 348 1.39 -5.56 20.37
C ILE A 348 1.53 -7.08 20.60
N GLY A 349 0.93 -7.59 21.69
CA GLY A 349 0.92 -9.04 21.94
C GLY A 349 -0.24 -9.77 21.28
N ARG A 350 -1.12 -9.07 20.56
CA ARG A 350 -2.38 -9.66 20.03
C ARG A 350 -2.06 -10.84 19.12
N SER A 351 -2.49 -12.09 19.47
CA SER A 351 -2.02 -13.32 18.78
C SER A 351 -2.50 -13.34 17.31
N ASN A 352 -3.69 -12.76 17.07
CA ASN A 352 -4.39 -12.79 15.76
C ASN A 352 -4.23 -11.44 15.04
N ALA A 353 -3.27 -10.60 15.39
CA ALA A 353 -3.13 -9.27 14.74
C ALA A 353 -2.95 -9.51 13.25
N SER A 354 -2.28 -10.54 12.80
CA SER A 354 -2.02 -10.79 11.36
C SER A 354 -3.26 -11.12 10.56
N GLU A 355 -4.41 -11.30 11.24
CA GLU A 355 -5.71 -11.47 10.55
C GLU A 355 -6.31 -10.14 10.06
N HIS A 356 -5.62 -9.03 10.25
CA HIS A 356 -6.04 -7.76 9.61
C HIS A 356 -6.10 -7.96 8.10
N LEU A 357 -6.78 -7.05 7.45
CA LEU A 357 -7.10 -7.12 6.02
C LEU A 357 -6.34 -6.11 5.18
N ASN A 358 -5.29 -5.51 5.68
CA ASN A 358 -4.56 -4.52 4.86
C ASN A 358 -3.87 -5.17 3.65
N PHE A 359 -3.57 -6.46 3.69
CA PHE A 359 -2.97 -7.20 2.56
C PHE A 359 -4.04 -7.96 1.78
N GLY A 360 -5.33 -7.68 2.03
CA GLY A 360 -6.41 -8.46 1.44
C GLY A 360 -6.48 -9.85 2.01
N TYR A 361 -7.08 -10.74 1.25
CA TYR A 361 -7.40 -12.11 1.67
C TYR A 361 -7.81 -12.83 0.40
N GLY A 362 -7.28 -14.03 0.18
CA GLY A 362 -7.74 -14.82 -0.96
C GLY A 362 -6.87 -14.64 -2.18
N ALA A 363 -7.49 -14.69 -3.35
CA ALA A 363 -6.81 -14.92 -4.61
C ALA A 363 -5.78 -13.82 -4.91
N HIS A 364 -6.06 -12.59 -4.50
CA HIS A 364 -5.13 -11.46 -4.79
C HIS A 364 -4.34 -11.04 -3.57
N GLN A 365 -4.33 -11.86 -2.50
CA GLN A 365 -3.65 -11.42 -1.27
C GLN A 365 -2.23 -10.94 -1.60
N CYS A 366 -1.84 -9.82 -1.02
CA CYS A 366 -0.61 -9.08 -1.39
C CYS A 366 0.58 -10.01 -1.57
N LEU A 367 1.15 -10.07 -2.77
CA LEU A 367 2.33 -10.92 -2.99
C LEU A 367 3.55 -10.38 -2.24
N GLY A 368 3.62 -9.06 -2.05
CA GLY A 368 4.82 -8.44 -1.46
C GLY A 368 4.72 -8.22 0.03
N ARG A 369 3.72 -8.78 0.71
CA ARG A 369 3.42 -8.41 2.11
C ARG A 369 4.63 -8.70 3.00
N ASN A 370 5.42 -9.73 2.75
CA ASN A 370 6.55 -9.98 3.68
C ASN A 370 7.69 -8.99 3.42
N LEU A 371 7.83 -8.48 2.21
CA LEU A 371 8.84 -7.43 2.01
C LEU A 371 8.34 -6.13 2.65
N GLY A 372 7.06 -5.83 2.53
CA GLY A 372 6.52 -4.63 3.22
C GLY A 372 6.72 -4.71 4.72
N ARG A 373 6.45 -5.88 5.27
CA ARG A 373 6.65 -6.09 6.73
C ARG A 373 8.15 -5.93 7.06
N MET A 374 9.03 -6.49 6.23
N MET A 374 9.03 -6.49 6.24
CA MET A 374 10.47 -6.36 6.55
CA MET A 374 10.49 -6.37 6.50
C MET A 374 10.88 -4.89 6.53
C MET A 374 10.92 -4.90 6.50
N GLU A 375 10.40 -4.11 5.57
CA GLU A 375 10.79 -2.71 5.51
C GLU A 375 10.25 -1.98 6.74
N MET A 376 9.01 -2.21 7.11
CA MET A 376 8.45 -1.55 8.30
C MET A 376 9.29 -1.88 9.52
N GLN A 377 9.59 -3.14 9.69
CA GLN A 377 10.29 -3.65 10.89
C GLN A 377 11.70 -3.06 10.91
N ILE A 378 12.40 -2.99 9.79
CA ILE A 378 13.78 -2.47 9.79
C ILE A 378 13.74 -0.99 10.08
N MET A 379 12.81 -0.21 9.54
CA MET A 379 12.74 1.23 9.80
C MET A 379 12.36 1.43 11.28
N ILE A 380 11.44 0.69 11.85
CA ILE A 380 11.11 0.86 13.29
C ILE A 380 12.32 0.50 14.15
N GLU A 381 13.02 -0.58 13.85
CA GLU A 381 14.16 -1.00 14.70
C GLU A 381 15.26 0.05 14.59
N GLU A 382 15.57 0.58 13.42
CA GLU A 382 16.67 1.56 13.30
C GLU A 382 16.31 2.75 14.16
N LEU A 383 15.08 3.25 14.09
CA LEU A 383 14.70 4.48 14.81
C LEU A 383 14.62 4.15 16.30
N SER A 384 14.07 3.01 16.75
CA SER A 384 13.98 2.75 18.20
C SER A 384 15.38 2.50 18.78
N ARG A 385 16.35 2.08 17.98
CA ARG A 385 17.70 1.85 18.53
C ARG A 385 18.53 3.15 18.54
N ARG A 386 18.36 3.98 17.52
CA ARG A 386 19.26 5.14 17.36
C ARG A 386 18.58 6.42 17.85
N LEU A 387 17.24 6.49 17.86
CA LEU A 387 16.44 7.65 18.32
C LEU A 387 15.39 7.24 19.33
N PRO A 388 15.75 6.46 20.37
CA PRO A 388 14.72 6.12 21.37
C PRO A 388 14.14 7.36 22.09
N HIS A 389 14.94 8.39 22.14
CA HIS A 389 14.65 9.65 22.88
C HIS A 389 13.88 10.65 22.05
N MET A 390 13.53 10.32 20.82
CA MET A 390 12.72 11.26 20.02
C MET A 390 11.26 11.24 20.45
N ARG A 391 10.57 12.30 20.13
CA ARG A 391 9.14 12.40 20.43
C ARG A 391 8.48 13.06 19.24
N LEU A 392 7.20 12.77 19.07
CA LEU A 392 6.45 13.49 18.04
C LEU A 392 6.45 14.99 18.40
N ALA A 393 6.62 15.80 17.39
CA ALA A 393 6.57 17.26 17.60
C ALA A 393 5.12 17.70 17.57
N GLU A 394 4.84 18.86 18.11
CA GLU A 394 3.48 19.43 17.95
C GLU A 394 3.26 19.71 16.46
N GLN A 395 2.13 19.27 15.93
CA GLN A 395 1.85 19.41 14.47
C GLN A 395 0.43 19.00 14.15
N ARG A 396 -0.01 19.46 12.99
CA ARG A 396 -1.29 19.06 12.36
C ARG A 396 -1.00 17.88 11.42
N PHE A 397 -1.85 16.88 11.45
CA PHE A 397 -1.73 15.71 10.56
C PHE A 397 -2.69 15.86 9.39
N ASP A 398 -2.14 15.93 8.19
CA ASP A 398 -2.94 16.12 6.95
C ASP A 398 -2.93 14.82 6.16
N TYR A 399 -4.06 14.41 5.62
CA TYR A 399 -4.23 13.15 4.87
C TYR A 399 -4.70 13.50 3.47
N LEU A 400 -4.06 13.04 2.41
CA LEU A 400 -4.65 13.19 1.08
C LEU A 400 -5.96 12.44 0.95
N HIS A 401 -6.97 13.04 0.36
CA HIS A 401 -8.32 12.44 0.28
C HIS A 401 -8.37 11.41 -0.83
N ASN A 402 -8.77 10.19 -0.48
CA ASN A 402 -8.96 9.12 -1.47
C ASN A 402 -9.64 7.97 -0.74
N VAL A 403 -10.18 7.01 -1.47
CA VAL A 403 -10.97 5.95 -0.77
C VAL A 403 -10.10 4.86 -0.13
N SER A 404 -8.86 4.69 -0.54
CA SER A 404 -8.11 3.44 -0.19
C SER A 404 -7.01 3.66 0.85
N PHE A 405 -6.10 4.61 0.70
CA PHE A 405 -4.88 4.65 1.51
C PHE A 405 -4.82 5.87 2.39
N ARG A 406 -4.45 5.70 3.63
CA ARG A 406 -4.43 6.77 4.64
C ARG A 406 -3.11 6.77 5.39
N ALA A 407 -2.52 7.95 5.50
CA ALA A 407 -1.38 8.25 6.38
C ALA A 407 -1.19 9.75 6.37
N PRO A 408 -0.63 10.32 7.45
CA PRO A 408 -0.27 11.71 7.39
C PRO A 408 0.80 11.95 6.33
N ARG A 409 0.76 13.12 5.69
CA ARG A 409 1.74 13.49 4.65
C ARG A 409 3.12 13.79 5.25
N HIS A 410 3.17 14.17 6.52
CA HIS A 410 4.43 14.49 7.22
C HIS A 410 4.35 13.95 8.62
N LEU A 411 5.52 13.68 9.21
CA LEU A 411 5.61 13.13 10.58
C LEU A 411 6.85 13.74 11.25
N TRP A 412 6.64 14.89 11.85
CA TRP A 412 7.74 15.64 12.52
C TRP A 412 8.05 15.05 13.85
N VAL A 413 9.33 14.84 14.10
CA VAL A 413 9.85 14.37 15.38
C VAL A 413 11.03 15.23 15.80
N GLU A 414 11.31 15.20 17.10
N GLU A 414 11.28 15.26 17.12
CA GLU A 414 12.38 16.05 17.67
CA GLU A 414 12.31 16.12 17.75
C GLU A 414 13.09 15.28 18.77
C GLU A 414 13.07 15.31 18.79
N TRP A 415 14.34 15.67 19.00
CA TRP A 415 15.20 14.94 19.93
C TRP A 415 16.45 15.79 20.23
N ASP A 416 17.14 15.43 21.30
CA ASP A 416 18.44 16.08 21.63
C ASP A 416 19.55 15.24 21.02
N PRO A 417 20.24 15.75 19.97
CA PRO A 417 21.31 14.94 19.38
C PRO A 417 22.47 14.57 20.31
N ALA A 418 22.70 15.42 21.31
CA ALA A 418 23.78 15.13 22.28
C ALA A 418 23.42 13.90 23.11
N GLN A 419 22.13 13.55 23.18
CA GLN A 419 21.74 12.36 23.94
C GLN A 419 21.47 11.18 23.00
N ASN A 420 21.91 11.27 21.75
CA ASN A 420 21.76 10.09 20.87
C ASN A 420 22.54 8.95 21.50
N PRO A 421 21.98 7.72 21.61
CA PRO A 421 22.72 6.56 22.15
C PRO A 421 24.14 6.36 21.60
N GLU A 422 24.32 6.66 20.26
CA GLU A 422 25.65 6.52 19.65
C GLU A 422 26.59 7.67 20.01
N ARG A 423 26.13 8.67 20.78
CA ARG A 423 27.00 9.71 21.32
C ARG A 423 27.01 9.79 22.82
N ARG A 424 25.96 9.31 23.44
CA ARG A 424 25.79 9.36 24.90
C ARG A 424 26.93 8.62 25.59
N ASP A 425 27.36 9.13 26.75
CA ASP A 425 28.29 8.39 27.58
C ASP A 425 27.62 7.17 28.18
N PRO A 426 28.45 6.16 28.58
CA PRO A 426 28.07 5.18 29.59
C PRO A 426 28.08 5.90 30.95
CHA HEM B . -1.71 -6.70 -3.82
CHB HEM B . -1.50 -3.91 0.15
CHC HEM B . 3.34 -3.99 -0.09
CHD HEM B . 3.09 -6.28 -4.38
C1A HEM B . -2.10 -6.00 -2.73
C2A HEM B . -3.44 -5.72 -2.28
C3A HEM B . -3.38 -4.91 -1.20
C4A HEM B . -1.96 -4.67 -0.96
CMA HEM B . -4.52 -4.34 -0.43
CAA HEM B . -4.70 -6.33 -2.88
CBA HEM B . -5.14 -7.52 -1.99
CGA HEM B . -6.36 -8.26 -2.46
O1A HEM B . -7.07 -7.79 -3.42
O2A HEM B . -6.65 -9.32 -1.87
C1B HEM B . -0.12 -3.72 0.42
C2B HEM B . 0.34 -3.04 1.60
C3B HEM B . 1.70 -3.05 1.56
C4B HEM B . 2.05 -3.75 0.32
CMB HEM B . -0.53 -2.46 2.66
CAB HEM B . 2.73 -2.57 2.49
CBB HEM B . 2.57 -2.45 3.79
C1C HEM B . 3.73 -4.54 -1.31
C2C HEM B . 5.06 -4.73 -1.78
C3C HEM B . 4.98 -5.34 -3.03
C4C HEM B . 3.61 -5.59 -3.27
CMC HEM B . 6.28 -4.25 -0.98
CAC HEM B . 6.06 -5.80 -3.93
CBC HEM B . 7.22 -6.25 -3.56
C1D HEM B . 1.71 -6.59 -4.51
C2D HEM B . 1.26 -7.31 -5.74
C3D HEM B . -0.06 -7.44 -5.56
C4D HEM B . -0.40 -6.79 -4.30
CMD HEM B . 2.13 -7.79 -6.88
CAD HEM B . -1.07 -8.11 -6.50
CBD HEM B . -1.38 -9.58 -6.18
CGD HEM B . -2.53 -10.16 -6.99
O1D HEM B . -3.39 -9.37 -7.41
O2D HEM B . -2.48 -11.38 -7.22
NA HEM B . -1.17 -5.32 -1.88
NB HEM B . 0.93 -4.12 -0.32
NC HEM B . 2.82 -5.11 -2.20
ND HEM B . 0.68 -6.29 -3.70
FE HEM B . 0.82 -5.30 -1.99
N1 BCN C . -6.99 -3.33 28.42
C1 BCN C . -7.48 -2.59 27.23
C2 BCN C . -6.48 -1.57 26.69
O21 BCN C . -5.41 -1.47 27.29
O22 BCN C . -6.82 -0.91 25.67
C3 BCN C . -5.91 -4.29 28.14
C4 BCN C . -4.62 -3.71 28.68
O4 BCN C . -3.88 -4.63 29.41
C5 BCN C . -8.02 -3.78 29.40
C6 BCN C . -9.05 -4.79 28.91
O6 BCN C . -9.98 -4.11 28.08
C1 GOL D . -2.93 9.82 -15.75
O1 GOL D . -3.90 10.47 -14.94
C2 GOL D . -2.94 8.36 -15.40
O2 GOL D . -2.05 7.56 -16.14
C3 GOL D . -4.30 7.80 -15.57
O3 GOL D . -4.74 7.34 -14.33
#